data_3CG3
#
_entry.id   3CG3
#
_cell.length_a   36.954
_cell.length_b   59.180
_cell.length_c   150.758
_cell.angle_alpha   90.00
_cell.angle_beta   90.00
_cell.angle_gamma   90.00
#
_symmetry.space_group_name_H-M   'P 21 21 21'
#
loop_
_entity.id
_entity.type
_entity.pdbx_description
1 polymer 'UPF0100 protein PH0151'
2 non-polymer TUNGSTATE(VI)ION
3 water water
#
_entity_poly.entity_id   1
_entity_poly.type   'polypeptide(L)'
_entity_poly.pdbx_seq_one_letter_code
;GHMSESREARLIIFHAGSLSIPLSQVEEKFTKYAQEKLGVKVTFQDEASGSVKAVRKVTDLKKRADIVAVADYTLIPQLM
IPNYTDFYVLFATNEIVIAFTNKSKYADEMLKNPDKWYEILSRPDVSFGFSDPNQDPCGYRSVMVMKLAELYYGRPIFKE
LVEKTTNIYSNGTRIYAPKEIIIKDKRVIMRPKETDLVGLVESGSLDYIFIYKSVAKQHHLSYITLPDDINLGDFNKADF
YGRVSITLGSTGKTIKAKPIVYGITVLKNAPNRELAIEFLRFLLGNEGRKIFEDNYQEFLSPPVAFGNVPPEIRRLVEVK
;
_entity_poly.pdbx_strand_id   A
#
# COMPACT_ATOMS: atom_id res chain seq x y z
N SER A 6 -18.81 -27.06 -10.09
CA SER A 6 -18.06 -26.17 -11.02
C SER A 6 -16.65 -26.70 -11.23
N ARG A 7 -16.35 -27.10 -12.46
CA ARG A 7 -15.01 -27.62 -12.75
C ARG A 7 -14.10 -26.43 -13.01
N GLU A 8 -14.54 -25.50 -13.84
CA GLU A 8 -13.76 -24.31 -14.17
C GLU A 8 -14.38 -23.07 -13.50
N ALA A 9 -13.54 -22.30 -12.79
CA ALA A 9 -14.02 -21.11 -12.11
C ALA A 9 -13.03 -19.95 -12.22
N ARG A 10 -13.54 -18.75 -12.02
CA ARG A 10 -12.71 -17.55 -12.10
C ARG A 10 -12.82 -16.73 -10.81
N LEU A 11 -11.71 -16.20 -10.35
CA LEU A 11 -11.70 -15.36 -9.16
C LEU A 11 -11.25 -13.98 -9.59
N ILE A 12 -11.99 -12.96 -9.17
CA ILE A 12 -11.70 -11.56 -9.50
C ILE A 12 -11.14 -10.91 -8.24
N ILE A 13 -9.90 -10.47 -8.31
CA ILE A 13 -9.26 -9.83 -7.17
C ILE A 13 -8.78 -8.42 -7.54
N PHE A 14 -9.27 -7.43 -6.79
CA PHE A 14 -8.86 -6.04 -6.96
C PHE A 14 -7.86 -5.85 -5.82
N HIS A 15 -6.64 -5.44 -6.13
CA HIS A 15 -5.67 -5.32 -5.04
C HIS A 15 -4.65 -4.21 -5.20
N ALA A 16 -4.09 -3.84 -4.06
CA ALA A 16 -3.04 -2.84 -3.95
C ALA A 16 -1.88 -3.23 -4.88
N GLY A 17 -1.26 -2.23 -5.51
CA GLY A 17 -0.16 -2.51 -6.40
C GLY A 17 1.02 -3.15 -5.69
N SER A 18 1.30 -2.78 -4.43
CA SER A 18 2.45 -3.36 -3.74
C SER A 18 2.31 -4.86 -3.46
N LEU A 19 1.09 -5.39 -3.61
CA LEU A 19 0.87 -6.82 -3.37
C LEU A 19 1.06 -7.65 -4.60
N SER A 20 1.22 -6.99 -5.75
CA SER A 20 1.34 -7.68 -7.02
C SER A 20 2.26 -8.89 -7.11
N ILE A 21 3.52 -8.71 -6.72
CA ILE A 21 4.49 -9.79 -6.83
C ILE A 21 4.18 -11.01 -5.96
N PRO A 22 4.04 -10.83 -4.64
CA PRO A 22 3.73 -12.03 -3.86
C PRO A 22 2.35 -12.60 -4.18
N LEU A 23 1.37 -11.73 -4.42
CA LEU A 23 0.04 -12.24 -4.75
C LEU A 23 0.09 -13.11 -6.01
N SER A 24 0.83 -12.68 -7.02
CA SER A 24 0.89 -13.45 -8.26
C SER A 24 1.46 -14.86 -7.99
N GLN A 25 2.41 -14.95 -7.06
CA GLN A 25 3.02 -16.24 -6.73
C GLN A 25 2.05 -17.11 -5.93
N VAL A 26 1.29 -16.49 -5.02
CA VAL A 26 0.30 -17.23 -4.25
C VAL A 26 -0.78 -17.76 -5.21
N GLU A 27 -1.21 -16.92 -6.16
CA GLU A 27 -2.23 -17.35 -7.12
C GLU A 27 -1.76 -18.55 -7.94
N GLU A 28 -0.50 -18.56 -8.32
CA GLU A 28 0.06 -19.67 -9.09
C GLU A 28 -0.04 -20.96 -8.28
N LYS A 29 0.40 -20.91 -7.03
CA LYS A 29 0.34 -22.09 -6.18
C LYS A 29 -1.08 -22.51 -5.86
N PHE A 30 -1.99 -21.56 -5.74
CA PHE A 30 -3.38 -21.89 -5.44
C PHE A 30 -4.03 -22.61 -6.62
N THR A 31 -3.61 -22.27 -7.83
CA THR A 31 -4.17 -22.89 -9.01
C THR A 31 -3.89 -24.40 -8.97
N LYS A 32 -2.66 -24.77 -8.63
CA LYS A 32 -2.29 -26.18 -8.54
C LYS A 32 -3.09 -26.85 -7.42
N TYR A 33 -3.14 -26.17 -6.28
CA TYR A 33 -3.85 -26.67 -5.11
C TYR A 33 -5.33 -26.87 -5.41
N ALA A 34 -5.95 -25.88 -6.07
CA ALA A 34 -7.36 -25.96 -6.41
C ALA A 34 -7.68 -27.19 -7.25
N GLN A 35 -6.81 -27.50 -8.20
CA GLN A 35 -7.02 -28.64 -9.07
C GLN A 35 -6.93 -29.94 -8.27
N GLU A 36 -5.79 -30.13 -7.62
CA GLU A 36 -5.50 -31.33 -6.83
C GLU A 36 -6.41 -31.60 -5.64
N LYS A 37 -6.81 -30.56 -4.92
CA LYS A 37 -7.65 -30.73 -3.74
C LYS A 37 -9.12 -30.35 -3.93
N LEU A 38 -9.40 -29.39 -4.79
CA LEU A 38 -10.79 -28.98 -5.01
C LEU A 38 -11.34 -29.44 -6.36
N GLY A 39 -10.47 -29.99 -7.20
CA GLY A 39 -10.91 -30.46 -8.51
C GLY A 39 -11.45 -29.34 -9.39
N VAL A 40 -10.93 -28.14 -9.20
CA VAL A 40 -11.37 -26.97 -9.95
C VAL A 40 -10.24 -26.33 -10.74
N LYS A 41 -10.52 -25.97 -11.99
CA LYS A 41 -9.55 -25.29 -12.86
C LYS A 41 -9.78 -23.81 -12.59
N VAL A 42 -8.84 -23.17 -11.90
CA VAL A 42 -9.01 -21.76 -11.57
C VAL A 42 -8.16 -20.79 -12.36
N THR A 43 -8.76 -19.65 -12.68
CA THR A 43 -8.08 -18.59 -13.38
C THR A 43 -8.40 -17.32 -12.62
N PHE A 44 -7.47 -16.39 -12.63
CA PHE A 44 -7.66 -15.14 -11.92
C PHE A 44 -7.82 -13.94 -12.83
N GLN A 45 -8.76 -13.08 -12.48
CA GLN A 45 -9.04 -11.84 -13.18
C GLN A 45 -8.60 -10.82 -12.14
N ASP A 46 -7.29 -10.60 -12.11
CA ASP A 46 -6.62 -9.73 -11.17
C ASP A 46 -6.48 -8.30 -11.72
N GLU A 47 -6.80 -7.32 -10.87
CA GLU A 47 -6.69 -5.93 -11.26
C GLU A 47 -5.93 -5.17 -10.17
N ALA A 48 -4.71 -4.76 -10.50
CA ALA A 48 -3.88 -4.02 -9.56
C ALA A 48 -4.10 -2.53 -9.72
N SER A 49 -4.19 -1.82 -8.60
CA SER A 49 -4.37 -0.36 -8.64
C SER A 49 -4.05 0.17 -7.26
N GLY A 50 -4.07 1.49 -7.08
CA GLY A 50 -3.82 2.03 -5.76
C GLY A 50 -4.97 1.48 -4.92
N SER A 51 -4.77 1.23 -3.62
CA SER A 51 -5.87 0.66 -2.82
C SER A 51 -7.16 1.46 -2.72
N VAL A 52 -7.07 2.79 -2.70
CA VAL A 52 -8.29 3.58 -2.61
C VAL A 52 -9.11 3.36 -3.89
N LYS A 53 -8.44 3.36 -5.03
CA LYS A 53 -9.14 3.14 -6.29
C LYS A 53 -9.72 1.71 -6.33
N ALA A 54 -9.00 0.75 -5.77
CA ALA A 54 -9.49 -0.62 -5.76
C ALA A 54 -10.81 -0.72 -5.00
N VAL A 55 -10.86 -0.06 -3.84
CA VAL A 55 -12.08 -0.09 -3.04
C VAL A 55 -13.21 0.66 -3.74
N ARG A 56 -12.90 1.84 -4.28
CA ARG A 56 -13.92 2.63 -4.98
C ARG A 56 -14.50 1.91 -6.20
N LYS A 57 -13.71 1.05 -6.86
CA LYS A 57 -14.21 0.32 -8.02
C LYS A 57 -15.42 -0.51 -7.58
N VAL A 58 -15.37 -1.00 -6.34
CA VAL A 58 -16.44 -1.82 -5.80
C VAL A 58 -17.58 -0.98 -5.24
N THR A 59 -17.24 -0.03 -4.39
CA THR A 59 -18.23 0.79 -3.71
C THR A 59 -18.88 1.91 -4.51
N ASP A 60 -18.14 2.52 -5.43
CA ASP A 60 -18.68 3.65 -6.20
C ASP A 60 -18.98 3.33 -7.67
N LEU A 61 -18.12 2.55 -8.31
CA LEU A 61 -18.34 2.21 -9.70
C LEU A 61 -19.15 0.90 -9.78
N LYS A 62 -19.45 0.34 -8.62
CA LYS A 62 -20.23 -0.90 -8.51
C LYS A 62 -19.74 -2.07 -9.35
N LYS A 63 -18.43 -2.21 -9.52
CA LYS A 63 -17.88 -3.32 -10.32
C LYS A 63 -17.89 -4.62 -9.51
N ARG A 64 -17.91 -5.72 -10.24
CA ARG A 64 -17.95 -7.06 -9.66
C ARG A 64 -16.57 -7.56 -9.23
N ALA A 65 -16.50 -8.15 -8.04
CA ALA A 65 -15.23 -8.68 -7.55
C ALA A 65 -15.49 -9.70 -6.45
N ASP A 66 -14.51 -10.56 -6.21
CA ASP A 66 -14.62 -11.58 -5.17
C ASP A 66 -13.84 -11.16 -3.94
N ILE A 67 -12.63 -10.70 -4.18
CA ILE A 67 -11.69 -10.33 -3.13
C ILE A 67 -11.10 -8.94 -3.33
N VAL A 68 -10.96 -8.20 -2.23
CA VAL A 68 -10.33 -6.88 -2.28
C VAL A 68 -9.20 -6.93 -1.22
N ALA A 69 -7.97 -6.65 -1.64
CA ALA A 69 -6.82 -6.65 -0.72
C ALA A 69 -6.21 -5.26 -0.83
N VAL A 70 -6.07 -4.60 0.32
CA VAL A 70 -5.57 -3.23 0.41
C VAL A 70 -4.32 -3.05 1.26
N ALA A 71 -3.57 -1.98 0.99
CA ALA A 71 -2.35 -1.70 1.73
C ALA A 71 -2.63 -0.96 3.04
N ASP A 72 -3.87 -0.53 3.25
CA ASP A 72 -4.27 0.17 4.48
C ASP A 72 -5.63 -0.40 4.82
N TYR A 73 -5.66 -1.31 5.79
CA TYR A 73 -6.90 -1.99 6.19
C TYR A 73 -8.02 -1.01 6.49
N THR A 74 -7.65 0.18 6.94
CA THR A 74 -8.57 1.27 7.29
C THR A 74 -9.69 1.48 6.27
N LEU A 75 -9.32 1.40 5.00
CA LEU A 75 -10.24 1.59 3.88
C LEU A 75 -11.46 0.66 3.87
N ILE A 76 -11.30 -0.56 4.37
CA ILE A 76 -12.40 -1.52 4.34
C ILE A 76 -13.52 -1.12 5.31
N PRO A 77 -13.25 -1.01 6.63
CA PRO A 77 -14.35 -0.60 7.51
C PRO A 77 -14.82 0.82 7.20
N GLN A 78 -13.92 1.66 6.71
CA GLN A 78 -14.29 3.04 6.39
C GLN A 78 -15.25 3.19 5.19
N LEU A 79 -15.09 2.35 4.18
CA LEU A 79 -15.87 2.49 2.94
C LEU A 79 -16.71 1.31 2.46
N MET A 80 -16.43 0.11 2.97
CA MET A 80 -17.13 -1.07 2.49
C MET A 80 -18.12 -1.76 3.41
N ILE A 81 -18.09 -1.41 4.69
CA ILE A 81 -18.97 -2.08 5.64
C ILE A 81 -20.15 -1.21 6.05
N PRO A 82 -21.37 -1.79 6.13
CA PRO A 82 -21.76 -3.18 5.87
C PRO A 82 -22.26 -3.48 4.46
N ASN A 83 -22.38 -2.46 3.62
CA ASN A 83 -22.92 -2.69 2.27
C ASN A 83 -22.21 -3.68 1.35
N TYR A 84 -20.88 -3.76 1.42
CA TYR A 84 -20.16 -4.64 0.53
C TYR A 84 -19.49 -5.85 1.15
N THR A 85 -19.25 -5.78 2.46
CA THR A 85 -18.66 -6.89 3.19
C THR A 85 -18.95 -6.69 4.66
N ASP A 86 -18.77 -7.75 5.46
CA ASP A 86 -19.01 -7.65 6.89
C ASP A 86 -17.84 -8.12 7.73
N PHE A 87 -16.67 -8.25 7.13
CA PHE A 87 -15.47 -8.65 7.89
C PHE A 87 -14.21 -8.24 7.12
N TYR A 88 -13.08 -8.25 7.83
CA TYR A 88 -11.79 -7.96 7.21
C TYR A 88 -10.69 -8.56 8.05
N VAL A 89 -9.55 -8.80 7.42
CA VAL A 89 -8.42 -9.39 8.10
C VAL A 89 -7.16 -8.55 7.92
N LEU A 90 -6.50 -8.25 9.02
CA LEU A 90 -5.23 -7.50 9.01
C LEU A 90 -4.19 -8.60 8.91
N PHE A 91 -3.30 -8.53 7.92
CA PHE A 91 -2.37 -9.64 7.75
C PHE A 91 -0.89 -9.39 7.47
N ALA A 92 -0.49 -8.17 7.15
CA ALA A 92 0.91 -7.92 6.87
C ALA A 92 1.20 -6.47 7.13
N THR A 93 2.48 -6.12 7.16
CA THR A 93 2.87 -4.75 7.45
C THR A 93 3.92 -4.29 6.48
N ASN A 94 4.44 -3.08 6.69
CA ASN A 94 5.46 -2.54 5.82
C ASN A 94 6.00 -1.25 6.43
N GLU A 95 6.92 -0.60 5.72
CA GLU A 95 7.47 0.68 6.16
C GLU A 95 7.84 1.49 4.91
N ILE A 96 7.88 2.81 5.04
CA ILE A 96 8.21 3.65 3.90
C ILE A 96 9.72 3.91 3.88
N VAL A 97 10.32 3.74 2.70
CA VAL A 97 11.74 4.02 2.53
C VAL A 97 11.90 4.93 1.31
N ILE A 98 13.13 5.39 1.07
CA ILE A 98 13.39 6.19 -0.12
C ILE A 98 14.27 5.30 -0.99
N ALA A 99 13.79 4.99 -2.19
CA ALA A 99 14.49 4.10 -3.11
C ALA A 99 15.09 4.82 -4.30
N PHE A 100 16.12 4.20 -4.87
CA PHE A 100 16.87 4.75 -6.00
C PHE A 100 17.81 3.68 -6.57
N THR A 101 18.67 4.07 -7.50
CA THR A 101 19.65 3.13 -8.06
C THR A 101 20.98 3.86 -8.14
N ASN A 102 22.03 3.15 -8.56
CA ASN A 102 23.36 3.77 -8.67
C ASN A 102 23.40 4.87 -9.74
N LYS A 103 22.39 4.92 -10.60
CA LYS A 103 22.33 5.95 -11.64
C LYS A 103 21.69 7.25 -11.13
N SER A 104 20.99 7.18 -10.01
CA SER A 104 20.35 8.38 -9.46
C SER A 104 21.34 9.45 -9.03
N LYS A 105 21.04 10.70 -9.33
CA LYS A 105 21.92 11.79 -8.95
C LYS A 105 22.13 11.82 -7.44
N TYR A 106 23.40 11.89 -7.04
CA TYR A 106 23.80 11.93 -5.63
C TYR A 106 23.50 10.64 -4.87
N ALA A 107 23.37 9.53 -5.60
CA ALA A 107 23.07 8.24 -4.96
C ALA A 107 24.10 7.87 -3.90
N ASP A 108 25.38 8.05 -4.21
CA ASP A 108 26.43 7.73 -3.25
C ASP A 108 26.32 8.58 -2.00
N GLU A 109 26.03 9.86 -2.20
CA GLU A 109 25.87 10.77 -1.07
C GLU A 109 24.67 10.37 -0.22
N MET A 110 23.57 9.99 -0.87
CA MET A 110 22.36 9.57 -0.14
C MET A 110 22.66 8.33 0.71
N LEU A 111 23.35 7.37 0.13
CA LEU A 111 23.69 6.15 0.86
C LEU A 111 24.60 6.44 2.06
N LYS A 112 25.53 7.39 1.89
CA LYS A 112 26.47 7.73 2.95
C LYS A 112 25.91 8.62 4.05
N ASN A 113 24.92 9.44 3.73
CA ASN A 113 24.33 10.35 4.70
C ASN A 113 22.80 10.28 4.65
N PRO A 114 22.24 9.10 4.96
CA PRO A 114 20.78 8.93 4.92
C PRO A 114 19.97 9.92 5.76
N ASP A 115 20.57 10.46 6.81
CA ASP A 115 19.86 11.41 7.66
C ASP A 115 19.65 12.76 7.00
N LYS A 116 20.31 13.00 5.88
CA LYS A 116 20.15 14.27 5.16
C LYS A 116 19.32 14.07 3.90
N TRP A 117 18.51 13.01 3.88
CA TRP A 117 17.67 12.71 2.72
C TRP A 117 16.85 13.91 2.25
N TYR A 118 16.30 14.69 3.17
CA TYR A 118 15.47 15.81 2.77
C TYR A 118 16.21 16.99 2.16
N GLU A 119 17.52 17.05 2.36
CA GLU A 119 18.32 18.12 1.78
C GLU A 119 18.57 17.75 0.33
N ILE A 120 18.83 16.48 0.07
CA ILE A 120 19.06 16.03 -1.29
C ILE A 120 17.76 16.16 -2.10
N LEU A 121 16.63 15.81 -1.50
CA LEU A 121 15.36 15.92 -2.24
C LEU A 121 14.95 17.36 -2.47
N SER A 122 15.55 18.28 -1.72
CA SER A 122 15.24 19.69 -1.87
C SER A 122 16.05 20.34 -3.00
N ARG A 123 17.04 19.63 -3.50
CA ARG A 123 17.87 20.19 -4.57
C ARG A 123 17.08 20.30 -5.87
N PRO A 124 17.21 21.45 -6.56
CA PRO A 124 16.51 21.70 -7.83
C PRO A 124 16.86 20.75 -8.97
N ASP A 125 18.08 20.21 -8.97
CA ASP A 125 18.49 19.29 -10.03
C ASP A 125 18.11 17.84 -9.77
N VAL A 126 17.39 17.61 -8.66
CA VAL A 126 16.97 16.26 -8.29
C VAL A 126 15.47 16.04 -8.54
N SER A 127 15.14 14.88 -9.09
CA SER A 127 13.74 14.57 -9.35
C SER A 127 13.32 13.49 -8.36
N PHE A 128 12.09 13.55 -7.88
CA PHE A 128 11.62 12.52 -6.97
C PHE A 128 10.15 12.30 -7.21
N GLY A 129 9.64 11.14 -6.82
CA GLY A 129 8.23 10.91 -7.03
C GLY A 129 7.52 10.17 -5.91
N PHE A 130 6.19 10.23 -5.99
CA PHE A 130 5.33 9.53 -5.06
C PHE A 130 4.00 9.34 -5.77
N SER A 131 3.21 8.37 -5.32
CA SER A 131 1.94 8.12 -6.00
C SER A 131 0.81 9.06 -5.59
N ASP A 132 -0.26 9.04 -6.36
CA ASP A 132 -1.43 9.91 -6.15
C ASP A 132 -2.14 9.56 -4.85
N PRO A 133 -2.17 10.51 -3.88
CA PRO A 133 -2.82 10.29 -2.58
C PRO A 133 -4.29 9.91 -2.70
N ASN A 134 -4.96 10.40 -3.74
CA ASN A 134 -6.35 10.09 -3.91
C ASN A 134 -6.63 8.67 -4.33
N GLN A 135 -5.60 7.99 -4.81
CA GLN A 135 -5.75 6.62 -5.32
C GLN A 135 -4.98 5.57 -4.58
N ASP A 136 -3.89 5.97 -3.93
CA ASP A 136 -2.97 4.98 -3.37
C ASP A 136 -2.45 5.28 -1.99
N PRO A 137 -2.60 4.33 -1.06
CA PRO A 137 -2.09 4.59 0.29
C PRO A 137 -0.58 4.93 0.30
N CYS A 138 0.20 4.33 -0.59
CA CYS A 138 1.64 4.64 -0.57
C CYS A 138 1.81 6.13 -0.81
N GLY A 139 0.98 6.68 -1.70
CA GLY A 139 1.03 8.10 -1.98
C GLY A 139 0.57 8.97 -0.82
N TYR A 140 -0.57 8.66 -0.18
CA TYR A 140 -0.98 9.51 0.93
C TYR A 140 -0.04 9.31 2.12
N ARG A 141 0.54 8.12 2.24
CA ARG A 141 1.50 7.90 3.31
C ARG A 141 2.79 8.70 3.06
N SER A 142 3.20 8.80 1.80
CA SER A 142 4.42 9.55 1.46
C SER A 142 4.27 11.01 1.91
N VAL A 143 3.11 11.59 1.62
CA VAL A 143 2.84 12.97 1.99
C VAL A 143 2.83 13.05 3.51
N MET A 144 2.18 12.09 4.17
CA MET A 144 2.16 12.12 5.63
C MET A 144 3.55 11.95 6.21
N VAL A 145 4.39 11.14 5.58
CA VAL A 145 5.75 10.95 6.08
C VAL A 145 6.52 12.27 6.03
N MET A 146 6.31 13.06 4.97
CA MET A 146 7.02 14.34 4.88
C MET A 146 6.49 15.34 5.93
N LYS A 147 5.22 15.22 6.29
CA LYS A 147 4.68 16.08 7.35
C LYS A 147 5.29 15.65 8.70
N LEU A 148 5.34 14.34 8.94
CA LEU A 148 5.92 13.85 10.19
C LEU A 148 7.39 14.23 10.24
N ALA A 149 8.04 14.27 9.08
CA ALA A 149 9.45 14.64 9.00
C ALA A 149 9.62 16.09 9.45
N GLU A 150 8.70 16.95 9.01
CA GLU A 150 8.75 18.37 9.37
C GLU A 150 8.66 18.49 10.89
N LEU A 151 7.75 17.73 11.49
CA LEU A 151 7.57 17.75 12.94
C LEU A 151 8.74 17.12 13.69
N TYR A 152 9.27 16.04 13.14
CA TYR A 152 10.37 15.31 13.77
C TYR A 152 11.72 16.04 13.73
N TYR A 153 12.14 16.47 12.54
CA TYR A 153 13.42 17.14 12.37
C TYR A 153 13.39 18.62 12.71
N GLY A 154 12.21 19.21 12.71
CA GLY A 154 12.13 20.64 13.02
C GLY A 154 12.61 21.50 11.85
N ARG A 155 12.50 20.98 10.63
CA ARG A 155 12.88 21.70 9.42
C ARG A 155 11.64 21.68 8.51
N PRO A 156 11.45 22.73 7.68
CA PRO A 156 10.33 22.93 6.75
C PRO A 156 10.27 21.97 5.55
N ILE A 157 10.37 20.68 5.83
CA ILE A 157 10.39 19.65 4.82
C ILE A 157 9.06 19.51 4.04
N PHE A 158 7.94 19.59 4.73
CA PHE A 158 6.66 19.45 4.03
C PHE A 158 6.42 20.68 3.15
N LYS A 159 6.77 21.86 3.66
CA LYS A 159 6.59 23.09 2.90
C LYS A 159 7.45 23.07 1.64
N GLU A 160 8.68 22.58 1.80
CA GLU A 160 9.63 22.52 0.70
C GLU A 160 9.38 21.43 -0.35
N LEU A 161 9.04 20.22 0.10
CA LEU A 161 8.83 19.11 -0.81
C LEU A 161 7.43 18.89 -1.34
N VAL A 162 6.42 19.35 -0.61
CA VAL A 162 5.05 19.14 -1.02
C VAL A 162 4.24 20.38 -1.41
N GLU A 163 4.26 21.40 -0.56
CA GLU A 163 3.50 22.61 -0.83
C GLU A 163 4.12 23.47 -1.93
N LYS A 164 5.44 23.47 -2.05
CA LYS A 164 6.10 24.25 -3.09
C LYS A 164 5.99 23.57 -4.45
N THR A 165 5.94 22.25 -4.44
CA THR A 165 5.92 21.45 -5.65
C THR A 165 4.56 21.04 -6.20
N THR A 166 3.54 21.10 -5.36
CA THR A 166 2.19 20.67 -5.76
C THR A 166 1.17 21.51 -5.06
N ASN A 167 -0.11 21.24 -5.33
CA ASN A 167 -1.19 21.97 -4.68
C ASN A 167 -1.74 21.21 -3.46
N ILE A 168 -1.02 20.19 -3.00
CA ILE A 168 -1.42 19.44 -1.81
C ILE A 168 -1.00 20.40 -0.69
N TYR A 169 -1.86 20.59 0.30
CA TYR A 169 -1.53 21.52 1.34
C TYR A 169 -1.90 21.05 2.74
N SER A 170 -1.49 21.82 3.74
CA SER A 170 -1.80 21.47 5.11
C SER A 170 -2.13 22.71 5.92
N ASN A 171 -2.74 22.48 7.08
CA ASN A 171 -3.10 23.52 8.03
C ASN A 171 -2.94 22.80 9.37
N GLY A 172 -1.93 23.18 10.13
CA GLY A 172 -1.68 22.49 11.37
C GLY A 172 -1.17 21.13 10.93
N THR A 173 -1.65 20.06 11.55
CA THR A 173 -1.19 18.74 11.13
C THR A 173 -2.23 18.00 10.29
N ARG A 174 -3.15 18.76 9.70
CA ARG A 174 -4.17 18.17 8.83
C ARG A 174 -3.72 18.48 7.39
N ILE A 175 -3.63 17.42 6.57
CA ILE A 175 -3.23 17.55 5.17
C ILE A 175 -4.46 17.38 4.30
N TYR A 176 -4.47 18.05 3.15
CA TYR A 176 -5.59 18.00 2.23
C TYR A 176 -5.12 17.71 0.82
N ALA A 177 -5.67 16.65 0.23
CA ALA A 177 -5.34 16.27 -1.13
C ALA A 177 -6.54 16.67 -1.99
N PRO A 178 -6.38 17.71 -2.81
CA PRO A 178 -7.52 18.12 -3.65
C PRO A 178 -7.85 17.04 -4.69
N LYS A 179 -9.10 17.06 -5.17
CA LYS A 179 -9.56 16.12 -6.18
C LYS A 179 -8.68 16.18 -7.40
N GLU A 180 -8.38 17.41 -7.81
CA GLU A 180 -7.52 17.65 -8.97
C GLU A 180 -6.14 18.06 -8.49
N ILE A 181 -5.18 17.15 -8.57
CA ILE A 181 -3.83 17.46 -8.13
C ILE A 181 -3.03 18.12 -9.24
N ILE A 182 -2.33 19.18 -8.87
CA ILE A 182 -1.52 19.94 -9.80
C ILE A 182 -0.06 19.90 -9.38
N ILE A 183 0.82 19.62 -10.32
CA ILE A 183 2.25 19.60 -10.02
C ILE A 183 2.79 20.93 -10.52
N LYS A 184 3.39 21.71 -9.63
CA LYS A 184 3.95 23.03 -9.95
C LYS A 184 5.41 22.92 -10.36
N ASP A 185 6.13 21.98 -9.74
CA ASP A 185 7.56 21.78 -10.01
C ASP A 185 7.71 20.45 -10.75
N LYS A 186 7.96 20.52 -12.05
CA LYS A 186 8.04 19.31 -12.83
C LYS A 186 9.17 18.35 -12.53
N ARG A 187 9.99 18.64 -11.51
CA ARG A 187 11.03 17.69 -11.14
C ARG A 187 10.36 16.63 -10.27
N VAL A 188 9.12 16.89 -9.87
CA VAL A 188 8.35 15.95 -9.07
C VAL A 188 7.43 15.16 -10.00
N ILE A 189 7.53 13.83 -9.91
CA ILE A 189 6.76 12.92 -10.73
C ILE A 189 5.70 12.23 -9.89
N MET A 190 4.52 12.05 -10.44
CA MET A 190 3.46 11.33 -9.73
C MET A 190 2.86 10.30 -10.68
N ARG A 191 2.36 9.19 -10.13
CA ARG A 191 1.74 8.13 -10.92
C ARG A 191 0.57 7.60 -10.12
N PRO A 192 -0.40 6.94 -10.76
CA PRO A 192 -1.58 6.39 -10.07
C PRO A 192 -1.29 5.43 -8.90
N LYS A 193 -0.21 4.66 -9.00
CA LYS A 193 0.18 3.75 -7.93
C LYS A 193 1.69 3.69 -7.83
N GLU A 194 2.17 3.45 -6.61
CA GLU A 194 3.60 3.42 -6.34
C GLU A 194 4.40 2.48 -7.24
N THR A 195 3.87 1.30 -7.55
CA THR A 195 4.66 0.40 -8.40
C THR A 195 4.93 0.95 -9.82
N ASP A 196 4.17 1.97 -10.24
CA ASP A 196 4.38 2.58 -11.56
C ASP A 196 5.68 3.38 -11.52
N LEU A 197 6.11 3.76 -10.32
CA LEU A 197 7.33 4.57 -10.17
C LEU A 197 8.64 3.76 -10.29
N VAL A 198 8.56 2.45 -10.06
CA VAL A 198 9.76 1.63 -10.10
C VAL A 198 10.46 1.65 -11.46
N GLY A 199 9.70 1.49 -12.53
CA GLY A 199 10.28 1.49 -13.87
C GLY A 199 11.02 2.78 -14.16
N LEU A 200 10.46 3.89 -13.67
CA LEU A 200 11.07 5.21 -13.88
C LEU A 200 12.42 5.34 -13.16
N VAL A 201 12.51 4.77 -11.96
CA VAL A 201 13.76 4.82 -11.21
C VAL A 201 14.79 3.89 -11.81
N GLU A 202 14.36 2.70 -12.22
CA GLU A 202 15.26 1.71 -12.80
C GLU A 202 15.92 2.21 -14.08
N SER A 203 15.18 2.98 -14.87
CA SER A 203 15.68 3.54 -16.12
C SER A 203 16.60 4.72 -15.86
N GLY A 204 16.51 5.28 -14.66
CA GLY A 204 17.36 6.40 -14.31
C GLY A 204 16.77 7.77 -14.61
N SER A 205 15.56 7.81 -15.15
CA SER A 205 14.92 9.09 -15.47
C SER A 205 14.39 9.78 -14.22
N LEU A 206 14.15 8.99 -13.17
CA LEU A 206 13.65 9.52 -11.90
C LEU A 206 14.70 9.16 -10.85
N ASP A 207 15.14 10.15 -10.07
CA ASP A 207 16.19 9.91 -9.07
C ASP A 207 15.78 9.15 -7.82
N TYR A 208 14.72 9.62 -7.15
CA TYR A 208 14.30 8.96 -5.93
C TYR A 208 12.79 8.80 -5.87
N ILE A 209 12.34 7.79 -5.14
CA ILE A 209 10.91 7.60 -4.95
C ILE A 209 10.61 7.20 -3.50
N PHE A 210 9.43 7.57 -3.03
CA PHE A 210 8.99 7.15 -1.70
C PHE A 210 8.23 5.88 -2.02
N ILE A 211 8.54 4.78 -1.36
CA ILE A 211 7.85 3.53 -1.65
C ILE A 211 8.06 2.54 -0.51
N TYR A 212 7.29 1.45 -0.49
CA TYR A 212 7.46 0.46 0.58
C TYR A 212 8.76 -0.29 0.50
N LYS A 213 9.30 -0.62 1.66
CA LYS A 213 10.53 -1.36 1.75
C LYS A 213 10.42 -2.70 1.01
N SER A 214 9.27 -3.36 1.14
CA SER A 214 9.09 -4.67 0.50
C SER A 214 9.17 -4.55 -1.01
N VAL A 215 8.63 -3.48 -1.56
CA VAL A 215 8.66 -3.30 -3.01
C VAL A 215 10.08 -2.99 -3.50
N ALA A 216 10.81 -2.17 -2.74
CA ALA A 216 12.18 -1.82 -3.11
C ALA A 216 13.07 -3.06 -3.09
N LYS A 217 12.89 -3.92 -2.09
CA LYS A 217 13.68 -5.13 -2.00
C LYS A 217 13.29 -6.13 -3.08
N GLN A 218 11.99 -6.20 -3.40
CA GLN A 218 11.54 -7.11 -4.44
C GLN A 218 12.13 -6.74 -5.79
N HIS A 219 12.30 -5.44 -6.04
CA HIS A 219 12.85 -4.99 -7.32
C HIS A 219 14.34 -4.72 -7.27
N HIS A 220 14.98 -5.13 -6.18
CA HIS A 220 16.41 -4.97 -5.98
C HIS A 220 16.91 -3.54 -6.17
N LEU A 221 16.15 -2.58 -5.66
CA LEU A 221 16.52 -1.18 -5.74
C LEU A 221 17.36 -0.82 -4.53
N SER A 222 18.16 0.24 -4.66
CA SER A 222 18.93 0.73 -3.53
C SER A 222 17.90 1.53 -2.75
N TYR A 223 18.12 1.69 -1.44
CA TYR A 223 17.20 2.47 -0.62
C TYR A 223 17.84 2.81 0.71
N ILE A 224 17.28 3.80 1.38
CA ILE A 224 17.75 4.19 2.69
C ILE A 224 16.52 4.14 3.59
N THR A 225 16.69 3.75 4.84
CA THR A 225 15.57 3.69 5.75
C THR A 225 15.40 5.06 6.40
N LEU A 226 14.19 5.34 6.86
CA LEU A 226 13.87 6.59 7.54
C LEU A 226 13.69 6.29 9.02
N PRO A 227 13.74 7.34 9.86
CA PRO A 227 13.58 7.18 11.31
C PRO A 227 12.27 6.46 11.65
N ASP A 228 12.27 5.67 12.72
CA ASP A 228 11.03 4.96 13.10
C ASP A 228 9.90 5.91 13.48
N ASP A 229 10.25 7.12 13.91
CA ASP A 229 9.22 8.09 14.29
C ASP A 229 8.42 8.61 13.10
N ILE A 230 8.94 8.40 11.88
CA ILE A 230 8.23 8.86 10.69
C ILE A 230 7.96 7.80 9.62
N ASN A 231 8.57 6.62 9.70
CA ASN A 231 8.42 5.66 8.61
C ASN A 231 7.18 4.77 8.56
N LEU A 232 6.31 4.91 9.57
CA LEU A 232 5.06 4.19 9.69
C LEU A 232 5.19 2.69 9.91
N GLY A 233 6.38 2.23 10.30
CA GLY A 233 6.56 0.80 10.52
C GLY A 233 6.69 0.45 12.01
N ASP A 234 6.65 1.46 12.88
CA ASP A 234 6.78 1.23 14.32
C ASP A 234 5.43 1.29 15.04
N PHE A 235 4.93 0.14 15.49
CA PHE A 235 3.64 0.10 16.17
C PHE A 235 3.59 0.89 17.47
N ASN A 236 4.76 1.14 18.06
CA ASN A 236 4.81 1.88 19.32
C ASN A 236 4.69 3.39 19.10
N LYS A 237 4.70 3.82 17.85
CA LYS A 237 4.60 5.27 17.55
C LYS A 237 3.22 5.68 17.04
N ALA A 238 2.22 4.84 17.26
CA ALA A 238 0.88 5.16 16.78
C ALA A 238 0.36 6.51 17.26
N ASP A 239 0.59 6.86 18.52
CA ASP A 239 0.11 8.17 19.01
C ASP A 239 0.76 9.34 18.27
N PHE A 240 2.05 9.23 17.97
CA PHE A 240 2.75 10.31 17.26
C PHE A 240 2.31 10.35 15.80
N TYR A 241 2.26 9.18 15.16
CA TYR A 241 1.83 9.12 13.77
C TYR A 241 0.43 9.72 13.63
N GLY A 242 -0.44 9.29 14.53
CA GLY A 242 -1.85 9.69 14.54
C GLY A 242 -2.19 11.16 14.67
N ARG A 243 -1.18 11.98 14.97
CA ARG A 243 -1.41 13.42 15.09
C ARG A 243 -1.52 14.02 13.69
N VAL A 244 -1.06 13.25 12.71
CA VAL A 244 -1.12 13.69 11.31
C VAL A 244 -2.22 12.92 10.58
N SER A 245 -2.95 13.62 9.70
CA SER A 245 -4.02 13.00 8.94
C SER A 245 -4.09 13.61 7.55
N ILE A 246 -4.84 12.95 6.67
CA ILE A 246 -5.00 13.47 5.33
C ILE A 246 -6.46 13.27 4.92
N THR A 247 -7.02 14.28 4.28
CA THR A 247 -8.39 14.18 3.80
C THR A 247 -8.28 14.06 2.29
N LEU A 248 -8.81 12.98 1.74
CA LEU A 248 -8.75 12.70 0.32
C LEU A 248 -9.90 13.29 -0.47
N GLY A 249 -9.58 13.93 -1.59
CA GLY A 249 -10.62 14.50 -2.43
C GLY A 249 -11.47 13.39 -3.05
N SER A 250 -10.83 12.26 -3.36
CA SER A 250 -11.55 11.13 -4.00
C SER A 250 -12.70 10.52 -3.18
N THR A 251 -12.51 10.43 -1.86
CA THR A 251 -13.52 9.82 -0.99
C THR A 251 -14.19 10.83 -0.08
N GLY A 252 -13.52 11.96 0.12
CA GLY A 252 -14.05 12.98 1.01
C GLY A 252 -13.77 12.63 2.46
N LYS A 253 -13.12 11.50 2.71
CA LYS A 253 -12.87 11.10 4.09
C LYS A 253 -11.46 11.33 4.58
N THR A 254 -11.30 11.34 5.90
CA THR A 254 -9.99 11.55 6.51
C THR A 254 -9.40 10.24 7.01
N ILE A 255 -8.09 10.10 6.83
CA ILE A 255 -7.35 8.91 7.28
C ILE A 255 -6.15 9.36 8.12
N LYS A 256 -5.99 8.80 9.32
CA LYS A 256 -4.85 9.17 10.15
C LYS A 256 -3.63 8.37 9.73
N ALA A 257 -2.45 8.96 9.90
CA ALA A 257 -1.23 8.22 9.64
C ALA A 257 -1.21 7.21 10.79
N LYS A 258 -0.78 5.99 10.52
CA LYS A 258 -0.77 4.94 11.52
C LYS A 258 0.16 3.86 11.02
N PRO A 259 0.54 2.92 11.91
CA PRO A 259 1.43 1.82 11.52
C PRO A 259 0.80 1.14 10.29
N ILE A 260 1.62 0.84 9.29
CA ILE A 260 1.13 0.22 8.07
C ILE A 260 0.68 -1.21 8.26
N VAL A 261 -0.60 -1.47 7.95
CA VAL A 261 -1.13 -2.82 8.07
C VAL A 261 -2.07 -3.08 6.88
N TYR A 262 -1.79 -4.15 6.14
CA TYR A 262 -2.58 -4.53 4.98
C TYR A 262 -3.85 -5.28 5.40
N GLY A 263 -4.91 -5.12 4.62
CA GLY A 263 -6.16 -5.78 4.93
C GLY A 263 -6.72 -6.53 3.74
N ILE A 264 -7.54 -7.54 4.00
CA ILE A 264 -8.13 -8.29 2.91
C ILE A 264 -9.54 -8.74 3.34
N THR A 265 -10.42 -8.86 2.36
CA THR A 265 -11.80 -9.29 2.63
C THR A 265 -12.38 -9.96 1.38
N VAL A 266 -13.45 -10.71 1.59
CA VAL A 266 -14.16 -11.37 0.52
C VAL A 266 -15.51 -10.64 0.52
N LEU A 267 -15.96 -10.23 -0.65
CA LEU A 267 -17.21 -9.47 -0.76
C LEU A 267 -18.50 -10.26 -0.49
N LYS A 268 -19.53 -9.55 -0.01
CA LYS A 268 -20.81 -10.18 0.27
C LYS A 268 -21.40 -10.81 -0.97
N ASN A 269 -21.27 -10.11 -2.10
CA ASN A 269 -21.81 -10.58 -3.36
C ASN A 269 -20.78 -11.20 -4.29
N ALA A 270 -19.69 -11.71 -3.71
CA ALA A 270 -18.66 -12.34 -4.51
C ALA A 270 -19.36 -13.42 -5.35
N PRO A 271 -19.07 -13.47 -6.66
CA PRO A 271 -19.68 -14.48 -7.52
C PRO A 271 -19.27 -15.93 -7.23
N ASN A 272 -18.06 -16.13 -6.75
CA ASN A 272 -17.59 -17.47 -6.40
C ASN A 272 -17.08 -17.36 -4.97
N ARG A 273 -17.99 -17.01 -4.07
CA ARG A 273 -17.65 -16.79 -2.67
C ARG A 273 -17.02 -17.97 -1.94
N GLU A 274 -17.52 -19.17 -2.17
CA GLU A 274 -16.93 -20.32 -1.48
C GLU A 274 -15.51 -20.52 -1.98
N LEU A 275 -15.29 -20.32 -3.28
CA LEU A 275 -13.93 -20.47 -3.82
C LEU A 275 -13.05 -19.34 -3.33
N ALA A 276 -13.62 -18.14 -3.24
CA ALA A 276 -12.84 -17.00 -2.76
C ALA A 276 -12.39 -17.23 -1.32
N ILE A 277 -13.25 -17.84 -0.51
CA ILE A 277 -12.90 -18.10 0.88
C ILE A 277 -11.83 -19.17 0.99
N GLU A 278 -11.84 -20.14 0.07
CA GLU A 278 -10.81 -21.18 0.04
C GLU A 278 -9.48 -20.49 -0.30
N PHE A 279 -9.53 -19.53 -1.20
CA PHE A 279 -8.30 -18.80 -1.57
C PHE A 279 -7.77 -18.02 -0.37
N LEU A 280 -8.66 -17.41 0.40
CA LEU A 280 -8.26 -16.63 1.57
C LEU A 280 -7.62 -17.58 2.59
N ARG A 281 -8.20 -18.76 2.76
CA ARG A 281 -7.65 -19.74 3.70
C ARG A 281 -6.24 -20.18 3.27
N PHE A 282 -6.07 -20.39 1.96
CA PHE A 282 -4.79 -20.79 1.39
C PHE A 282 -3.76 -19.66 1.58
N LEU A 283 -4.19 -18.42 1.31
CA LEU A 283 -3.30 -17.26 1.46
C LEU A 283 -2.80 -17.03 2.89
N LEU A 284 -3.70 -17.12 3.85
CA LEU A 284 -3.34 -16.90 5.24
C LEU A 284 -2.70 -18.14 5.84
N GLY A 285 -2.70 -19.22 5.06
CA GLY A 285 -2.11 -20.48 5.50
C GLY A 285 -0.60 -20.51 5.35
N ASN A 286 -0.04 -21.70 5.51
CA ASN A 286 1.41 -21.87 5.45
C ASN A 286 2.05 -21.54 4.12
N GLU A 287 1.39 -21.90 3.02
CA GLU A 287 1.95 -21.63 1.72
C GLU A 287 1.99 -20.15 1.43
N GLY A 288 0.91 -19.44 1.74
CA GLY A 288 0.90 -18.01 1.51
C GLY A 288 1.90 -17.28 2.39
N ARG A 289 1.98 -17.68 3.66
CA ARG A 289 2.89 -17.04 4.59
C ARG A 289 4.33 -17.18 4.10
N LYS A 290 4.66 -18.37 3.60
CA LYS A 290 6.01 -18.62 3.10
C LYS A 290 6.33 -17.73 1.90
N ILE A 291 5.37 -17.62 0.98
CA ILE A 291 5.56 -16.81 -0.22
C ILE A 291 5.75 -15.34 0.15
N PHE A 292 4.97 -14.84 1.10
CA PHE A 292 5.15 -13.45 1.47
C PHE A 292 6.47 -13.20 2.20
N GLU A 293 6.88 -14.14 3.03
CA GLU A 293 8.14 -14.00 3.74
C GLU A 293 9.28 -13.92 2.73
N ASP A 294 9.20 -14.76 1.71
CA ASP A 294 10.23 -14.78 0.66
C ASP A 294 10.23 -13.53 -0.22
N ASN A 295 9.14 -12.77 -0.18
CA ASN A 295 9.06 -11.54 -0.94
C ASN A 295 9.23 -10.34 -0.03
N TYR A 296 9.82 -10.60 1.13
CA TYR A 296 10.13 -9.58 2.11
C TYR A 296 8.95 -8.83 2.71
N GLN A 297 7.85 -9.54 2.92
CA GLN A 297 6.68 -8.94 3.56
C GLN A 297 6.01 -9.98 4.45
N GLU A 298 6.60 -10.24 5.61
CA GLU A 298 6.07 -11.22 6.54
C GLU A 298 4.70 -10.90 7.11
N PHE A 299 3.91 -11.95 7.28
CA PHE A 299 2.57 -11.87 7.84
C PHE A 299 2.64 -11.51 9.31
N LEU A 300 1.52 -11.00 9.83
CA LEU A 300 1.44 -10.70 11.25
C LEU A 300 1.34 -12.08 11.87
N SER A 301 1.73 -12.19 13.14
CA SER A 301 1.68 -13.47 13.84
C SER A 301 0.90 -13.30 15.13
N PRO A 302 -0.42 -13.54 15.07
CA PRO A 302 -1.10 -13.95 13.84
C PRO A 302 -1.89 -12.80 13.22
N PRO A 303 -2.47 -13.05 12.05
CA PRO A 303 -3.27 -12.02 11.38
C PRO A 303 -4.45 -11.83 12.34
N VAL A 304 -5.05 -10.65 12.33
CA VAL A 304 -6.18 -10.36 13.20
C VAL A 304 -7.41 -10.12 12.34
N ALA A 305 -8.53 -10.70 12.73
CA ALA A 305 -9.74 -10.52 11.95
C ALA A 305 -10.86 -9.86 12.76
N PHE A 306 -11.64 -9.03 12.08
CA PHE A 306 -12.76 -8.29 12.67
C PHE A 306 -14.07 -8.57 11.94
N GLY A 307 -15.18 -8.47 12.66
CA GLY A 307 -16.49 -8.68 12.08
C GLY A 307 -16.99 -10.12 12.02
N ASN A 308 -17.80 -10.39 11.01
CA ASN A 308 -18.37 -11.72 10.80
C ASN A 308 -17.36 -12.61 10.06
N VAL A 309 -16.37 -13.10 10.79
CA VAL A 309 -15.30 -13.92 10.22
C VAL A 309 -15.69 -15.31 9.74
N PRO A 310 -15.34 -15.65 8.49
CA PRO A 310 -15.67 -16.98 7.94
C PRO A 310 -15.08 -18.10 8.82
N PRO A 311 -15.91 -19.10 9.18
CA PRO A 311 -15.38 -20.17 10.03
C PRO A 311 -14.19 -20.90 9.39
N GLU A 312 -14.14 -20.89 8.06
CA GLU A 312 -13.07 -21.53 7.32
C GLU A 312 -11.67 -21.04 7.66
N ILE A 313 -11.54 -19.77 8.03
CA ILE A 313 -10.23 -19.22 8.37
C ILE A 313 -10.06 -18.96 9.86
N ARG A 314 -11.00 -19.42 10.69
CA ARG A 314 -10.91 -19.15 12.12
C ARG A 314 -9.67 -19.68 12.87
N ARG A 315 -9.04 -20.74 12.37
CA ARG A 315 -7.85 -21.27 13.03
C ARG A 315 -6.58 -20.56 12.57
N LEU A 316 -6.72 -19.67 11.59
CA LEU A 316 -5.59 -18.93 11.02
C LEU A 316 -5.49 -17.48 11.47
N VAL A 317 -6.49 -17.02 12.19
CA VAL A 317 -6.50 -15.63 12.63
C VAL A 317 -6.96 -15.51 14.07
N GLU A 318 -6.71 -14.34 14.67
CA GLU A 318 -7.17 -14.05 16.01
C GLU A 318 -8.41 -13.17 15.76
N VAL A 319 -9.56 -13.56 16.29
CA VAL A 319 -10.77 -12.78 16.08
C VAL A 319 -10.96 -11.69 17.13
N LYS A 320 -11.37 -10.51 16.67
CA LYS A 320 -11.61 -9.37 17.54
C LYS A 320 -12.96 -8.74 17.20
#